data_7JWL
#
_entry.id   7JWL
#
_cell.length_a   68.540
_cell.length_b   83.950
_cell.length_c   90.160
_cell.angle_alpha   90.000
_cell.angle_beta   90.000
_cell.angle_gamma   90.000
#
_symmetry.space_group_name_H-M   'P 21 21 21'
#
loop_
_entity.id
_entity.type
_entity.pdbx_description
1 polymer 'Peptidoglycan D,D-transpeptidase FtsI'
2 non-polymer 'CHLORIDE ION'
3 non-polymer 'ETX0462 (Bound form)'
4 water water
#
_entity_poly.entity_id   1
_entity_poly.type   'polypeptide(L)'
_entity_poly.pdbx_seq_one_letter_code
;MGHHHHHHARSVRHIAIPAHRGLITDRNGEPLAVSTPVTTLWANPKELMTAKERWPQLAAALGQDTKLFADRIEQNAERE
FIYLVRGLTPEQGEGVIALKVPGVYSIEEFRRFYPAGEVVAHAVGFTDVDDRGREGIELAFDEWLAGVPGKRQVLKDRRG
RVIKDVQVTKNAKPGKTLALSIDLRLQYLAHRELRNALLENGAKAGSLVIMDVKTGEILAMTNQPTYNPNNRRNLQPAAM
RNRAMIDVFEPGSTVKPFSMSAALASGRWKPSDIVDVYPGTLQIGRYTIRDVSRNSRQLDLTGILIKSSNVGISKIAFDI
GAESIYSVMQQVGLGQDTGLGFPGERVGNLPNHRKWPKAETATLAYGYGLSVTAIQLAHAYAALANDGKSVPLSMTRVDR
VPDGVQVISPEVASTVQGMLQQVVEAQGGVFRAQVPGYHAAGKSGTARKVSVGTKGYRENAYRSLFAGFAPATDPRIAMV
VVIDEPSKAGYFGGLVSAPVFSKVMAGALRLMNVPPDNLPTATEQQQVNAAPAKGGRG
;
_entity_poly.pdbx_strand_id   A
#
# COMPACT_ATOMS: atom_id res chain seq x y z
N ARG A 10 37.66 17.48 33.85
CA ARG A 10 37.48 16.28 34.66
C ARG A 10 37.14 15.06 33.79
N SER A 11 36.51 15.32 32.64
CA SER A 11 36.15 14.27 31.69
C SER A 11 35.77 14.85 30.34
N VAL A 12 36.53 14.55 29.30
CA VAL A 12 36.22 14.92 27.93
C VAL A 12 35.44 13.78 27.28
N ARG A 13 34.34 14.10 26.59
CA ARG A 13 33.52 13.07 25.95
C ARG A 13 33.00 13.53 24.59
N HIS A 14 32.86 12.57 23.69
CA HIS A 14 32.29 12.78 22.38
C HIS A 14 30.86 12.26 22.37
N ILE A 15 29.93 13.08 21.94
CA ILE A 15 28.51 12.71 21.92
C ILE A 15 27.95 13.00 20.55
N ALA A 16 26.92 12.23 20.19
CA ALA A 16 26.35 12.32 18.86
C ALA A 16 25.59 13.63 18.67
N ILE A 17 25.57 14.11 17.43
CA ILE A 17 24.70 15.19 16.98
C ILE A 17 23.64 14.57 16.08
N PRO A 18 22.36 14.62 16.44
CA PRO A 18 21.32 14.04 15.58
C PRO A 18 21.23 14.74 14.23
N ALA A 19 21.06 13.96 13.18
CA ALA A 19 20.92 14.51 11.84
C ALA A 19 19.44 14.76 11.53
N HIS A 20 19.19 15.78 10.72
CA HIS A 20 17.83 16.14 10.32
C HIS A 20 17.31 15.16 9.26
N ARG A 21 16.20 14.48 9.57
CA ARG A 21 15.68 13.44 8.71
C ARG A 21 14.99 14.03 7.48
N GLY A 22 15.20 13.39 6.33
CA GLY A 22 14.71 13.95 5.08
C GLY A 22 13.19 14.02 4.99
N LEU A 23 12.71 15.06 4.31
CA LEU A 23 11.29 15.23 4.04
C LEU A 23 10.79 14.18 3.04
N ILE A 24 9.64 13.58 3.32
CA ILE A 24 8.90 12.78 2.35
C ILE A 24 7.77 13.64 1.79
N THR A 25 7.73 13.82 0.47
CA THR A 25 6.63 14.48 -0.23
C THR A 25 5.88 13.49 -1.12
N ASP A 26 4.75 13.95 -1.64
CA ASP A 26 4.09 13.20 -2.71
C ASP A 26 4.80 13.57 -4.03
N ARG A 27 4.27 13.10 -5.16
CA ARG A 27 4.94 13.34 -6.44
C ARG A 27 4.97 14.82 -6.82
N ASN A 28 4.06 15.63 -6.28
CA ASN A 28 3.97 17.05 -6.57
C ASN A 28 4.55 17.95 -5.47
N GLY A 29 5.18 17.37 -4.45
CA GLY A 29 5.80 18.16 -3.41
C GLY A 29 4.98 18.38 -2.15
N GLU A 30 3.78 17.83 -2.06
CA GLU A 30 3.00 17.96 -0.82
C GLU A 30 3.71 17.19 0.30
N PRO A 31 3.88 17.78 1.48
CA PRO A 31 4.59 17.09 2.55
C PRO A 31 3.76 15.91 3.08
N LEU A 32 4.43 14.77 3.23
CA LEU A 32 3.80 13.58 3.79
C LEU A 32 4.41 13.15 5.11
N ALA A 33 5.68 13.47 5.34
CA ALA A 33 6.35 13.16 6.61
C ALA A 33 7.40 14.22 6.83
N VAL A 34 7.29 14.96 7.94
CA VAL A 34 8.07 16.16 8.18
C VAL A 34 8.74 16.05 9.55
N SER A 35 10.05 16.33 9.60
CA SER A 35 10.81 16.39 10.85
C SER A 35 10.59 17.73 11.51
N THR A 36 10.03 17.72 12.71
CA THR A 36 9.71 18.95 13.43
C THR A 36 10.45 19.00 14.76
N PRO A 37 10.87 20.20 15.21
CA PRO A 37 11.59 20.29 16.49
C PRO A 37 10.66 20.08 17.66
N VAL A 38 11.12 19.31 18.63
CA VAL A 38 10.40 19.09 19.88
C VAL A 38 11.36 19.28 21.04
N THR A 39 10.83 19.70 22.18
CA THR A 39 11.61 20.00 23.38
C THR A 39 11.53 18.80 24.32
N THR A 40 12.68 18.21 24.61
CA THR A 40 12.80 17.11 25.56
C THR A 40 13.59 17.58 26.78
N LEU A 41 13.16 17.17 27.98
CA LEU A 41 13.80 17.52 29.24
C LEU A 41 14.42 16.29 29.87
N TRP A 42 15.66 16.40 30.32
CA TRP A 42 16.33 15.34 31.07
C TRP A 42 16.96 15.95 32.32
N ALA A 43 17.61 15.09 33.11
CA ALA A 43 18.14 15.50 34.40
C ALA A 43 19.32 14.61 34.77
N ASN A 44 20.22 15.17 35.57
CA ASN A 44 21.36 14.46 36.14
C ASN A 44 21.07 14.22 37.62
N PRO A 45 20.69 13.01 38.02
CA PRO A 45 20.36 12.78 39.44
C PRO A 45 21.46 13.19 40.40
N LYS A 46 22.72 13.11 39.98
CA LYS A 46 23.81 13.54 40.86
C LYS A 46 23.63 15.00 41.25
N GLU A 47 23.14 15.83 40.32
CA GLU A 47 22.90 17.23 40.63
C GLU A 47 21.59 17.42 41.40
N LEU A 48 20.53 16.73 40.97
CA LEU A 48 19.25 16.78 41.70
C LEU A 48 19.40 16.41 43.16
N MET A 49 20.31 15.49 43.49
CA MET A 49 20.44 15.03 44.87
C MET A 49 20.90 16.14 45.80
N THR A 50 21.42 17.24 45.27
CA THR A 50 21.86 18.37 46.09
C THR A 50 20.80 19.47 46.17
N ALA A 51 19.63 19.27 45.57
CA ALA A 51 18.54 20.24 45.63
C ALA A 51 17.21 19.54 45.87
N LYS A 52 17.14 18.69 46.90
CA LYS A 52 15.91 17.93 47.14
C LYS A 52 14.73 18.82 47.42
N GLU A 53 14.95 19.97 48.07
CA GLU A 53 13.85 20.89 48.36
C GLU A 53 13.19 21.44 47.10
N ARG A 54 13.83 21.29 45.93
CA ARG A 54 13.21 21.69 44.67
C ARG A 54 12.34 20.60 44.05
N TRP A 55 12.46 19.35 44.50
CA TRP A 55 11.78 18.24 43.81
C TRP A 55 10.27 18.40 43.75
N PRO A 56 9.55 18.74 44.83
CA PRO A 56 8.09 18.76 44.72
C PRO A 56 7.59 19.76 43.68
N GLN A 57 8.19 20.95 43.59
CA GLN A 57 7.76 21.91 42.58
C GLN A 57 8.03 21.39 41.18
N LEU A 58 9.19 20.73 40.98
CA LEU A 58 9.51 20.13 39.69
C LEU A 58 8.58 18.96 39.37
N ALA A 59 8.28 18.12 40.37
CA ALA A 59 7.36 17.01 40.15
C ALA A 59 6.00 17.50 39.69
N ALA A 60 5.39 18.41 40.46
CA ALA A 60 4.13 19.03 40.07
C ALA A 60 4.20 19.58 38.65
N ALA A 61 5.31 20.23 38.30
CA ALA A 61 5.46 20.77 36.95
C ALA A 61 5.43 19.68 35.91
N LEU A 62 5.88 18.47 36.26
CA LEU A 62 5.89 17.35 35.32
C LEU A 62 4.63 16.48 35.41
N GLY A 63 3.58 16.97 36.06
CA GLY A 63 2.37 16.19 36.26
C GLY A 63 2.55 14.95 37.08
N GLN A 64 3.57 14.90 37.94
CA GLN A 64 3.97 13.69 38.64
C GLN A 64 3.64 13.78 40.13
N ASP A 65 3.32 12.63 40.71
CA ASP A 65 3.09 12.56 42.15
C ASP A 65 4.41 12.77 42.90
N THR A 66 4.39 13.65 43.91
CA THR A 66 5.58 14.02 44.66
C THR A 66 6.39 12.80 45.08
N LYS A 67 5.73 11.84 45.73
CA LYS A 67 6.46 10.68 46.28
C LYS A 67 7.05 9.82 45.18
N LEU A 68 6.30 9.56 44.12
CA LEU A 68 6.78 8.71 43.03
C LEU A 68 7.97 9.34 42.32
N PHE A 69 7.92 10.66 42.10
CA PHE A 69 9.07 11.39 41.58
C PHE A 69 10.29 11.22 42.48
N ALA A 70 10.11 11.43 43.79
CA ALA A 70 11.23 11.36 44.72
C ALA A 70 11.79 9.95 44.78
N ASP A 71 10.93 8.92 44.77
CA ASP A 71 11.40 7.55 44.69
C ASP A 71 12.26 7.33 43.45
N ARG A 72 11.82 7.88 42.31
CA ARG A 72 12.56 7.73 41.06
C ARG A 72 13.97 8.31 41.17
N ILE A 73 14.10 9.56 41.62
CA ILE A 73 15.42 10.16 41.63
CA ILE A 73 15.40 10.21 41.66
C ILE A 73 16.31 9.51 42.67
N GLU A 74 15.74 9.08 43.79
CA GLU A 74 16.54 8.39 44.80
C GLU A 74 17.12 7.09 44.26
N GLN A 75 16.33 6.37 43.45
CA GLN A 75 16.80 5.09 42.93
C GLN A 75 17.95 5.26 41.95
N ASN A 76 17.91 6.32 41.15
CA ASN A 76 18.91 6.60 40.13
C ASN A 76 19.98 7.56 40.61
N ALA A 77 20.12 7.72 41.94
CA ALA A 77 21.04 8.71 42.48
C ALA A 77 22.47 8.54 41.98
N GLU A 78 22.83 7.35 41.52
CA GLU A 78 24.20 7.11 41.05
C GLU A 78 24.37 7.45 39.57
N ARG A 79 23.38 7.15 38.74
CA ARG A 79 23.48 7.48 37.32
C ARG A 79 23.61 8.98 37.12
N GLU A 80 24.01 9.36 35.91
CA GLU A 80 24.24 10.76 35.58
C GLU A 80 23.28 11.27 34.52
N PHE A 81 22.30 10.46 34.14
CA PHE A 81 21.37 10.83 33.09
C PHE A 81 20.11 10.01 33.23
N ILE A 82 18.95 10.67 33.14
CA ILE A 82 17.65 10.04 32.94
C ILE A 82 16.79 11.03 32.16
N TYR A 83 15.92 10.51 31.33
CA TYR A 83 14.94 11.39 30.70
C TYR A 83 13.92 11.84 31.73
N LEU A 84 13.33 13.00 31.51
CA LEU A 84 12.21 13.46 32.33
C LEU A 84 10.91 13.39 31.56
N VAL A 85 10.91 13.87 30.33
CA VAL A 85 9.76 13.85 29.43
C VAL A 85 10.26 14.23 28.04
N ARG A 86 9.85 13.49 27.02
CA ARG A 86 10.29 13.74 25.66
C ARG A 86 9.17 14.40 24.86
N GLY A 87 9.57 15.23 23.90
CA GLY A 87 8.65 15.85 22.96
C GLY A 87 7.65 16.83 23.55
N LEU A 88 8.11 18.00 23.96
CA LEU A 88 7.24 19.04 24.49
C LEU A 88 7.23 20.24 23.55
N THR A 89 6.26 21.13 23.77
CA THR A 89 6.25 22.40 23.08
C THR A 89 7.32 23.32 23.66
N PRO A 90 7.87 24.23 22.85
CA PRO A 90 8.90 25.14 23.39
C PRO A 90 8.41 25.94 24.58
N GLU A 91 7.13 26.37 24.56
CA GLU A 91 6.58 27.08 25.70
C GLU A 91 6.55 26.19 26.95
N GLN A 92 6.38 24.89 26.76
CA GLN A 92 6.32 23.97 27.90
C GLN A 92 7.70 23.81 28.54
N GLY A 93 8.73 23.57 27.74
CA GLY A 93 10.06 23.36 28.28
C GLY A 93 10.60 24.58 29.02
N GLU A 94 10.45 25.76 28.42
CA GLU A 94 10.83 26.99 29.11
C GLU A 94 10.08 27.13 30.43
N GLY A 95 8.85 26.62 30.51
CA GLY A 95 8.11 26.68 31.77
C GLY A 95 8.82 25.96 32.89
N VAL A 96 9.47 24.83 32.58
CA VAL A 96 10.16 24.05 33.60
C VAL A 96 11.53 24.66 33.89
N ILE A 97 12.30 24.96 32.84
CA ILE A 97 13.64 25.52 32.99
C ILE A 97 13.61 26.83 33.80
N ALA A 98 12.52 27.59 33.69
CA ALA A 98 12.41 28.82 34.47
C ALA A 98 12.43 28.57 35.97
N LEU A 99 12.09 27.36 36.42
CA LEU A 99 12.22 27.03 37.82
C LEU A 99 13.68 27.00 38.26
N LYS A 100 14.62 26.86 37.32
CA LYS A 100 16.05 26.88 37.64
C LYS A 100 16.41 25.81 38.67
N VAL A 101 15.89 24.61 38.47
CA VAL A 101 16.22 23.48 39.34
C VAL A 101 17.59 22.98 38.91
N PRO A 102 18.56 22.89 39.82
CA PRO A 102 19.89 22.40 39.43
C PRO A 102 19.78 20.99 38.88
N GLY A 103 20.53 20.73 37.81
CA GLY A 103 20.56 19.42 37.21
C GLY A 103 19.43 19.12 36.24
N VAL A 104 18.51 20.05 36.04
CA VAL A 104 17.47 19.92 35.03
C VAL A 104 17.97 20.57 33.76
N TYR A 105 17.85 19.86 32.63
CA TYR A 105 18.41 20.31 31.37
C TYR A 105 17.35 20.25 30.28
N SER A 106 17.62 21.01 29.21
CA SER A 106 16.75 21.14 28.06
C SER A 106 17.48 20.71 26.80
N ILE A 107 16.73 20.13 25.88
CA ILE A 107 17.25 19.54 24.64
C ILE A 107 16.18 19.73 23.57
N GLU A 108 16.63 19.93 22.33
CA GLU A 108 15.74 19.86 21.18
C GLU A 108 16.09 18.65 20.34
N GLU A 109 15.09 17.81 20.08
CA GLU A 109 15.17 16.61 19.27
C GLU A 109 14.35 16.81 17.99
N PHE A 110 14.28 15.76 17.19
CA PHE A 110 13.41 15.74 16.01
C PHE A 110 12.32 14.71 16.20
N ARG A 111 11.12 15.05 15.74
CA ARG A 111 9.99 14.13 15.76
C ARG A 111 9.22 14.28 14.47
N ARG A 112 8.82 13.16 13.88
CA ARG A 112 8.08 13.18 12.64
C ARG A 112 6.65 13.64 12.88
N PHE A 113 6.15 14.47 11.98
CA PHE A 113 4.72 14.74 11.91
C PHE A 113 4.25 14.34 10.50
N TYR A 114 3.05 13.74 10.44
CA TYR A 114 2.49 13.24 9.19
C TYR A 114 1.23 14.04 8.81
N PRO A 115 1.36 15.06 7.95
CA PRO A 115 0.24 15.97 7.69
C PRO A 115 -1.02 15.28 7.16
N ALA A 116 -0.90 14.16 6.44
CA ALA A 116 -2.07 13.49 5.89
C ALA A 116 -2.59 12.38 6.79
N GLY A 117 -1.87 12.08 7.87
CA GLY A 117 -2.36 11.13 8.87
C GLY A 117 -2.72 9.78 8.27
N GLU A 118 -3.92 9.31 8.58
CA GLU A 118 -4.37 7.97 8.20
C GLU A 118 -4.53 7.80 6.69
N VAL A 119 -4.61 8.89 5.94
CA VAL A 119 -4.87 8.80 4.50
C VAL A 119 -3.74 8.09 3.76
N VAL A 120 -2.52 8.09 4.32
CA VAL A 120 -1.37 7.53 3.62
C VAL A 120 -0.45 6.80 4.62
N ALA A 121 -1.00 6.44 5.77
CA ALA A 121 -0.20 5.79 6.82
C ALA A 121 0.43 4.49 6.32
N HIS A 122 -0.35 3.64 5.64
CA HIS A 122 0.17 2.33 5.26
C HIS A 122 1.38 2.45 4.34
N ALA A 123 1.34 3.39 3.39
CA ALA A 123 2.48 3.56 2.49
C ALA A 123 3.65 4.25 3.19
N VAL A 124 3.38 5.33 3.93
CA VAL A 124 4.49 6.10 4.47
C VAL A 124 5.12 5.39 5.67
N GLY A 125 4.29 4.75 6.51
CA GLY A 125 4.83 4.14 7.71
C GLY A 125 5.08 5.17 8.81
N PHE A 126 6.01 4.83 9.70
CA PHE A 126 6.33 5.76 10.80
C PHE A 126 7.73 5.47 11.31
N THR A 127 8.21 6.37 12.17
CA THR A 127 9.46 6.26 12.92
C THR A 127 9.17 5.98 14.40
N ASP A 128 10.19 5.53 15.13
CA ASP A 128 10.08 5.36 16.58
C ASP A 128 10.50 6.64 17.28
N VAL A 129 10.54 6.62 18.62
CA VAL A 129 10.86 7.84 19.36
C VAL A 129 12.31 8.29 19.14
N ASP A 130 13.20 7.38 18.76
CA ASP A 130 14.57 7.74 18.38
C ASP A 130 14.69 8.21 16.93
N ASP A 131 13.57 8.46 16.25
CA ASP A 131 13.55 8.98 14.88
C ASP A 131 14.05 7.97 13.84
N ARG A 132 14.01 6.67 14.13
CA ARG A 132 14.42 5.65 13.17
CA ARG A 132 14.42 5.65 13.18
C ARG A 132 13.20 5.10 12.44
N GLY A 133 13.36 4.86 11.14
CA GLY A 133 12.25 4.32 10.35
C GLY A 133 11.93 2.89 10.77
N ARG A 134 10.65 2.63 11.08
CA ARG A 134 10.24 1.32 11.56
C ARG A 134 9.21 0.60 10.69
N GLU A 135 8.55 1.31 9.77
CA GLU A 135 7.47 0.74 8.97
C GLU A 135 7.39 1.53 7.67
N GLY A 136 6.74 0.94 6.66
CA GLY A 136 6.46 1.51 5.36
C GLY A 136 7.70 2.08 4.67
N ILE A 137 7.50 3.19 3.98
CA ILE A 137 8.59 3.87 3.29
C ILE A 137 9.66 4.36 4.27
N GLU A 138 9.24 4.80 5.48
CA GLU A 138 10.20 5.23 6.49
C GLU A 138 11.27 4.19 6.77
N LEU A 139 10.88 2.91 6.75
CA LEU A 139 11.85 1.85 6.96
C LEU A 139 12.58 1.48 5.67
N ALA A 140 11.82 1.27 4.58
CA ALA A 140 12.43 0.84 3.33
C ALA A 140 13.52 1.80 2.87
N PHE A 141 13.29 3.11 2.97
CA PHE A 141 14.22 4.12 2.53
C PHE A 141 14.97 4.78 3.69
N ASP A 142 15.22 4.02 4.77
CA ASP A 142 15.76 4.61 6.00
C ASP A 142 17.14 5.21 5.78
N GLU A 143 18.04 4.49 5.10
CA GLU A 143 19.39 5.01 4.90
C GLU A 143 19.37 6.33 4.15
N TRP A 144 18.57 6.43 3.09
CA TRP A 144 18.41 7.67 2.34
C TRP A 144 17.85 8.80 3.19
N LEU A 145 16.89 8.49 4.06
CA LEU A 145 16.21 9.54 4.82
C LEU A 145 16.96 9.95 6.08
N ALA A 146 17.76 9.05 6.69
CA ALA A 146 18.32 9.33 8.00
C ALA A 146 19.58 10.19 7.97
N GLY A 147 20.30 10.24 6.86
CA GLY A 147 21.52 11.04 6.94
C GLY A 147 22.56 10.38 7.84
N VAL A 148 23.40 11.21 8.45
CA VAL A 148 24.55 10.72 9.21
C VAL A 148 24.78 11.62 10.42
N PRO A 149 24.76 11.08 11.63
CA PRO A 149 24.92 11.93 12.82
C PRO A 149 26.31 12.52 12.88
N GLY A 150 26.39 13.73 13.44
CA GLY A 150 27.66 14.35 13.76
C GLY A 150 28.16 13.93 15.13
N LYS A 151 29.22 14.60 15.57
CA LYS A 151 29.80 14.38 16.88
C LYS A 151 30.34 15.69 17.41
N ARG A 152 30.16 15.94 18.71
CA ARG A 152 30.75 17.11 19.36
C ARG A 152 31.41 16.72 20.67
N GLN A 153 32.28 17.61 21.12
CA GLN A 153 33.12 17.38 22.30
C GLN A 153 32.65 18.28 23.43
N VAL A 154 32.29 17.68 24.57
CA VAL A 154 31.81 18.38 25.76
C VAL A 154 32.67 18.00 26.97
N LEU A 155 32.97 18.98 27.82
CA LEU A 155 33.60 18.70 29.10
C LEU A 155 32.52 18.52 30.16
N LYS A 156 32.75 17.57 31.06
CA LYS A 156 31.82 17.27 32.14
C LYS A 156 32.61 17.19 33.44
N ASP A 157 32.16 17.90 34.48
CA ASP A 157 32.84 17.79 35.75
C ASP A 157 32.60 16.41 36.36
N ARG A 158 33.24 16.16 37.50
CA ARG A 158 33.19 14.85 38.13
C ARG A 158 31.80 14.45 38.60
N ARG A 159 30.81 15.34 38.50
CA ARG A 159 29.46 15.03 38.92
C ARG A 159 28.47 14.97 37.76
N GLY A 160 28.94 15.14 36.52
CA GLY A 160 28.10 15.12 35.36
C GLY A 160 27.74 16.47 34.79
N ARG A 161 28.03 17.56 35.52
CA ARG A 161 27.70 18.90 35.04
C ARG A 161 28.41 19.19 33.73
N VAL A 162 27.65 19.61 32.72
CA VAL A 162 28.19 19.91 31.40
C VAL A 162 28.95 21.24 31.44
N ILE A 163 30.17 21.22 31.99
CA ILE A 163 30.94 22.43 32.27
C ILE A 163 31.10 23.29 31.01
N LYS A 164 31.96 22.86 30.09
CA LYS A 164 32.19 23.59 28.86
C LYS A 164 31.63 22.83 27.66
N ASP A 165 31.54 23.53 26.53
CA ASP A 165 31.12 22.97 25.26
C ASP A 165 32.21 23.26 24.25
N VAL A 166 33.08 22.28 23.99
CA VAL A 166 34.20 22.48 23.09
C VAL A 166 33.69 22.47 21.65
N GLN A 167 34.55 22.13 20.70
CA GLN A 167 34.21 22.32 19.31
C GLN A 167 33.32 21.18 18.79
N VAL A 168 32.96 21.28 17.51
CA VAL A 168 32.27 20.21 16.81
C VAL A 168 33.32 19.38 16.07
N THR A 169 33.43 18.10 16.42
CA THR A 169 34.36 17.23 15.70
C THR A 169 33.92 17.03 14.25
N LYS A 170 32.68 16.59 14.03
CA LYS A 170 32.16 16.36 12.69
C LYS A 170 30.71 16.81 12.62
N ASN A 171 30.39 17.61 11.61
CA ASN A 171 29.01 18.07 11.43
C ASN A 171 28.11 16.91 11.02
N ALA A 172 26.84 17.02 11.41
CA ALA A 172 25.83 16.08 10.94
C ALA A 172 25.56 16.32 9.46
N LYS A 173 25.24 15.23 8.75
CA LYS A 173 24.79 15.30 7.36
C LYS A 173 23.29 15.12 7.35
N PRO A 174 22.49 16.09 6.91
CA PRO A 174 21.04 15.88 6.89
C PRO A 174 20.64 14.79 5.92
N GLY A 175 19.50 14.16 6.21
CA GLY A 175 18.91 13.24 5.27
C GLY A 175 18.48 13.93 3.99
N LYS A 176 18.07 13.13 3.02
CA LYS A 176 17.71 13.61 1.69
C LYS A 176 16.20 13.59 1.52
N THR A 177 15.69 14.56 0.76
CA THR A 177 14.27 14.57 0.48
C THR A 177 13.92 13.37 -0.39
N LEU A 178 12.70 12.86 -0.21
CA LEU A 178 12.21 11.75 -1.01
C LEU A 178 10.80 12.05 -1.50
N ALA A 179 10.61 12.04 -2.82
CA ALA A 179 9.31 12.28 -3.44
C ALA A 179 8.74 10.94 -3.87
N LEU A 180 7.56 10.60 -3.35
CA LEU A 180 6.93 9.33 -3.72
C LEU A 180 6.24 9.43 -5.08
N SER A 181 5.89 8.26 -5.62
CA SER A 181 5.05 8.21 -6.81
C SER A 181 3.62 8.59 -6.50
N ILE A 182 3.21 8.56 -5.24
CA ILE A 182 1.81 8.77 -4.90
C ILE A 182 1.39 10.20 -5.21
N ASP A 183 0.20 10.35 -5.79
CA ASP A 183 -0.44 11.65 -5.99
C ASP A 183 -1.44 11.86 -4.85
N LEU A 184 -1.13 12.81 -3.96
CA LEU A 184 -1.95 12.95 -2.74
C LEU A 184 -3.40 13.25 -3.08
N ARG A 185 -3.67 13.95 -4.18
CA ARG A 185 -5.04 14.21 -4.59
C ARG A 185 -5.77 12.92 -4.97
N LEU A 186 -5.13 12.03 -5.72
CA LEU A 186 -5.72 10.73 -6.00
C LEU A 186 -5.86 9.90 -4.72
N GLN A 187 -4.85 9.97 -3.85
CA GLN A 187 -4.87 9.17 -2.62
C GLN A 187 -6.05 9.54 -1.72
N TYR A 188 -6.35 10.83 -1.60
CA TYR A 188 -7.51 11.24 -0.80
C TYR A 188 -8.80 10.72 -1.39
N LEU A 189 -8.96 10.84 -2.71
CA LEU A 189 -10.18 10.40 -3.37
C LEU A 189 -10.40 8.90 -3.18
N ALA A 190 -9.36 8.11 -3.45
CA ALA A 190 -9.45 6.66 -3.27
C ALA A 190 -9.74 6.31 -1.81
N HIS A 191 -9.07 6.98 -0.87
CA HIS A 191 -9.30 6.74 0.54
C HIS A 191 -10.77 6.97 0.93
N ARG A 192 -11.33 8.10 0.49
CA ARG A 192 -12.72 8.43 0.78
CA ARG A 192 -12.72 8.40 0.82
C ARG A 192 -13.68 7.39 0.22
N GLU A 193 -13.47 7.01 -1.04
CA GLU A 193 -14.46 6.17 -1.70
C GLU A 193 -14.38 4.72 -1.25
N LEU A 194 -13.17 4.18 -1.05
CA LEU A 194 -13.07 2.86 -0.45
C LEU A 194 -13.78 2.82 0.91
N ARG A 195 -13.50 3.82 1.75
CA ARG A 195 -14.17 3.93 3.04
C ARG A 195 -15.69 3.96 2.88
N ASN A 196 -16.21 4.83 2.00
CA ASN A 196 -17.66 4.87 1.78
C ASN A 196 -18.21 3.53 1.33
N ALA A 197 -17.50 2.85 0.44
CA ALA A 197 -17.96 1.55 -0.05
C ALA A 197 -18.02 0.52 1.08
N LEU A 198 -17.01 0.50 1.94
CA LEU A 198 -17.02 -0.39 3.10
C LEU A 198 -18.25 -0.15 3.96
N LEU A 199 -18.50 1.12 4.31
CA LEU A 199 -19.62 1.44 5.18
C LEU A 199 -20.94 1.15 4.50
N GLU A 200 -21.07 1.46 3.21
CA GLU A 200 -22.31 1.17 2.52
C GLU A 200 -22.56 -0.33 2.41
N ASN A 201 -21.50 -1.14 2.40
CA ASN A 201 -21.66 -2.58 2.20
C ASN A 201 -21.49 -3.40 3.46
N GLY A 202 -21.22 -2.77 4.61
CA GLY A 202 -20.95 -3.52 5.82
C GLY A 202 -19.74 -4.42 5.73
N ALA A 203 -18.74 -4.01 4.95
CA ALA A 203 -17.60 -4.88 4.72
C ALA A 203 -16.56 -4.69 5.84
N LYS A 204 -15.66 -5.66 5.93
CA LYS A 204 -14.69 -5.71 7.02
C LYS A 204 -13.37 -5.03 6.69
N ALA A 205 -12.92 -5.10 5.44
CA ALA A 205 -11.60 -4.58 5.04
C ALA A 205 -11.62 -4.33 3.54
N GLY A 206 -10.59 -3.68 3.05
CA GLY A 206 -10.50 -3.42 1.62
C GLY A 206 -9.16 -2.83 1.24
N SER A 207 -8.91 -2.82 -0.06
CA SER A 207 -7.72 -2.22 -0.65
C SER A 207 -8.08 -1.58 -1.98
N LEU A 208 -7.33 -0.54 -2.33
CA LEU A 208 -7.46 0.08 -3.65
C LEU A 208 -6.07 0.50 -4.08
N VAL A 209 -5.70 0.13 -5.31
CA VAL A 209 -4.38 0.43 -5.88
C VAL A 209 -4.61 1.13 -7.22
N ILE A 210 -3.89 2.23 -7.45
CA ILE A 210 -3.91 2.94 -8.73
C ILE A 210 -2.49 3.02 -9.29
N MET A 211 -2.35 2.72 -10.58
CA MET A 211 -1.03 2.68 -11.19
C MET A 211 -1.03 3.38 -12.55
N ASP A 212 0.10 4.02 -12.85
CA ASP A 212 0.34 4.63 -14.14
C ASP A 212 0.87 3.55 -15.07
N VAL A 213 0.10 3.17 -16.09
CA VAL A 213 0.50 2.02 -16.92
C VAL A 213 1.71 2.33 -17.79
N LYS A 214 2.04 3.62 -17.97
CA LYS A 214 3.17 4.03 -18.81
C LYS A 214 4.48 4.15 -18.05
N THR A 215 4.45 4.40 -16.74
CA THR A 215 5.66 4.68 -15.98
C THR A 215 5.93 3.70 -14.85
N GLY A 216 4.98 2.82 -14.52
CA GLY A 216 5.12 1.94 -13.38
C GLY A 216 4.81 2.57 -12.03
N GLU A 217 4.42 3.85 -11.98
CA GLU A 217 4.27 4.54 -10.71
C GLU A 217 2.98 4.13 -10.02
N ILE A 218 3.09 3.78 -8.74
CA ILE A 218 1.95 3.56 -7.87
C ILE A 218 1.39 4.94 -7.51
N LEU A 219 0.27 5.32 -8.13
CA LEU A 219 -0.30 6.65 -7.91
C LEU A 219 -1.16 6.71 -6.65
N ALA A 220 -1.63 5.57 -6.15
CA ALA A 220 -2.45 5.56 -4.95
C ALA A 220 -2.48 4.13 -4.43
N MET A 221 -2.45 4.01 -3.12
CA MET A 221 -2.41 2.71 -2.43
C MET A 221 -3.04 2.94 -1.04
N THR A 222 -4.30 2.54 -0.89
CA THR A 222 -5.07 2.79 0.33
C THR A 222 -5.74 1.50 0.81
N ASN A 223 -5.84 1.34 2.13
CA ASN A 223 -6.47 0.19 2.74
C ASN A 223 -7.43 0.66 3.84
N GLN A 224 -8.35 -0.23 4.19
CA GLN A 224 -9.17 -0.15 5.38
C GLN A 224 -9.09 -1.49 6.10
N PRO A 225 -9.05 -1.51 7.44
CA PRO A 225 -8.95 -0.33 8.31
C PRO A 225 -7.58 0.34 8.23
N THR A 226 -7.50 1.55 8.78
CA THR A 226 -6.26 2.31 8.81
C THR A 226 -6.15 2.90 10.21
N TYR A 227 -5.08 3.66 10.46
CA TYR A 227 -4.81 4.25 11.78
C TYR A 227 -4.16 5.62 11.60
N ASN A 228 -4.23 6.43 12.66
CA ASN A 228 -3.62 7.75 12.66
C ASN A 228 -2.19 7.64 13.17
N PRO A 229 -1.18 7.77 12.31
CA PRO A 229 0.21 7.60 12.76
C PRO A 229 0.71 8.71 13.69
N ASN A 230 -0.04 9.79 13.84
CA ASN A 230 0.38 10.86 14.73
C ASN A 230 -0.03 10.63 16.18
N ASN A 231 -0.90 9.66 16.43
CA ASN A 231 -1.37 9.33 17.78
C ASN A 231 -1.54 7.81 17.84
N ARG A 232 -0.43 7.11 18.05
CA ARG A 232 -0.43 5.65 17.97
C ARG A 232 -0.72 4.98 19.31
N ARG A 233 -1.24 5.73 20.28
CA ARG A 233 -1.74 5.10 21.50
C ARG A 233 -2.95 4.24 21.17
N ASN A 234 -3.02 3.07 21.80
CA ASN A 234 -4.10 2.10 21.57
C ASN A 234 -4.25 1.75 20.09
N LEU A 235 -3.15 1.33 19.48
CA LEU A 235 -3.13 0.98 18.07
C LEU A 235 -3.42 -0.51 17.91
N GLN A 236 -4.37 -0.83 17.04
CA GLN A 236 -4.69 -2.21 16.73
C GLN A 236 -3.82 -2.69 15.57
N PRO A 237 -3.01 -3.73 15.75
CA PRO A 237 -2.12 -4.17 14.66
C PRO A 237 -2.84 -4.53 13.37
N ALA A 238 -4.12 -4.94 13.44
CA ALA A 238 -4.85 -5.19 12.21
C ALA A 238 -5.07 -3.90 11.42
N ALA A 239 -5.17 -2.76 12.12
CA ALA A 239 -5.34 -1.49 11.43
C ALA A 239 -4.07 -1.01 10.74
N MET A 240 -2.92 -1.62 11.07
CA MET A 240 -1.64 -1.19 10.56
C MET A 240 -1.18 -1.97 9.33
N ARG A 241 -1.90 -3.00 8.90
CA ARG A 241 -1.50 -3.80 7.74
C ARG A 241 -1.67 -3.02 6.44
N ASN A 242 -0.61 -2.95 5.63
CA ASN A 242 -0.76 -2.50 4.25
C ASN A 242 -1.20 -3.69 3.41
N ARG A 243 -2.52 -3.96 3.44
CA ARG A 243 -3.09 -5.16 2.82
C ARG A 243 -2.75 -5.26 1.35
N ALA A 244 -2.69 -4.12 0.65
CA ALA A 244 -2.37 -4.12 -0.78
C ALA A 244 -1.06 -4.85 -1.07
N MET A 245 -0.15 -4.88 -0.10
CA MET A 245 1.15 -5.47 -0.35
C MET A 245 1.42 -6.71 0.47
N ILE A 246 0.77 -6.87 1.63
CA ILE A 246 1.11 -7.96 2.54
C ILE A 246 -0.01 -9.00 2.69
N ASP A 247 -1.17 -8.78 2.11
CA ASP A 247 -2.22 -9.79 2.13
C ASP A 247 -2.25 -10.51 0.79
N VAL A 248 -2.45 -11.82 0.83
CA VAL A 248 -2.58 -12.62 -0.39
C VAL A 248 -3.99 -13.17 -0.50
N PHE A 249 -4.44 -13.33 -1.75
CA PHE A 249 -5.79 -13.83 -1.97
C PHE A 249 -5.85 -14.53 -3.32
N GLU A 250 -6.84 -15.41 -3.45
CA GLU A 250 -7.16 -15.98 -4.76
C GLU A 250 -7.88 -14.93 -5.60
N PRO A 251 -7.38 -14.60 -6.79
CA PRO A 251 -7.98 -13.50 -7.57
C PRO A 251 -9.24 -13.87 -8.35
N GLY A 252 -9.56 -15.15 -8.45
CA GLY A 252 -10.82 -15.53 -9.08
C GLY A 252 -10.90 -15.06 -10.52
N SER A 253 -12.11 -14.64 -10.90
CA SER A 253 -12.40 -14.37 -12.30
C SER A 253 -11.66 -13.15 -12.84
N THR A 254 -11.01 -12.35 -12.00
CA THR A 254 -10.25 -11.23 -12.55
C THR A 254 -9.05 -11.68 -13.35
N VAL A 255 -8.67 -12.97 -13.29
CA VAL A 255 -7.54 -13.43 -14.11
C VAL A 255 -7.98 -14.03 -15.44
N LYS A 256 -9.28 -14.09 -15.70
CA LYS A 256 -9.75 -14.59 -16.99
C LYS A 256 -9.18 -13.82 -18.20
N PRO A 257 -8.89 -12.52 -18.13
CA PRO A 257 -8.24 -11.88 -19.30
C PRO A 257 -6.90 -12.51 -19.67
N PHE A 258 -6.18 -13.06 -18.69
CA PHE A 258 -4.87 -13.63 -18.97
C PHE A 258 -5.00 -15.04 -19.51
N SER A 259 -5.97 -15.82 -19.01
CA SER A 259 -6.34 -17.07 -19.67
C SER A 259 -6.69 -16.81 -21.13
N MET A 260 -7.46 -15.75 -21.38
CA MET A 260 -7.85 -15.41 -22.74
C MET A 260 -6.63 -15.00 -23.58
N SER A 261 -5.67 -14.28 -22.97
CA SER A 261 -4.45 -13.92 -23.70
C SER A 261 -3.70 -15.17 -24.14
N ALA A 262 -3.62 -16.18 -23.28
CA ALA A 262 -2.97 -17.42 -23.67
C ALA A 262 -3.72 -18.11 -24.80
N ALA A 263 -5.06 -18.05 -24.77
CA ALA A 263 -5.86 -18.65 -25.84
C ALA A 263 -5.64 -17.97 -27.19
N LEU A 264 -5.61 -16.63 -27.20
CA LEU A 264 -5.47 -15.91 -28.47
C LEU A 264 -4.06 -16.01 -29.03
N ALA A 265 -3.06 -16.17 -28.16
CA ALA A 265 -1.69 -16.39 -28.58
C ALA A 265 -1.43 -17.81 -29.04
N SER A 266 -2.33 -18.75 -28.74
CA SER A 266 -2.05 -20.14 -29.04
C SER A 266 -2.17 -20.45 -30.54
N GLY A 267 -2.81 -19.58 -31.30
CA GLY A 267 -3.14 -19.90 -32.68
C GLY A 267 -4.47 -20.60 -32.85
N ARG A 268 -5.11 -21.02 -31.76
CA ARG A 268 -6.27 -21.89 -31.84
C ARG A 268 -7.59 -21.18 -31.59
N TRP A 269 -7.58 -19.88 -31.26
CA TRP A 269 -8.81 -19.19 -30.88
C TRP A 269 -8.82 -17.74 -31.36
N LYS A 270 -10.00 -17.26 -31.74
CA LYS A 270 -10.28 -15.87 -32.01
C LYS A 270 -11.55 -15.50 -31.27
N PRO A 271 -11.79 -14.19 -31.04
CA PRO A 271 -12.91 -13.79 -30.17
C PRO A 271 -14.28 -14.24 -30.65
N SER A 272 -14.46 -14.45 -31.95
CA SER A 272 -15.74 -14.88 -32.50
C SER A 272 -15.95 -16.39 -32.43
N ASP A 273 -14.89 -17.16 -32.16
CA ASP A 273 -15.03 -18.59 -31.91
C ASP A 273 -16.04 -18.84 -30.78
N ILE A 274 -16.64 -20.03 -30.79
CA ILE A 274 -17.78 -20.35 -29.95
C ILE A 274 -17.45 -21.54 -29.06
N VAL A 275 -17.85 -21.46 -27.79
CA VAL A 275 -17.76 -22.59 -26.85
C VAL A 275 -19.18 -22.93 -26.40
N ASP A 276 -19.46 -24.23 -26.27
CA ASP A 276 -20.75 -24.71 -25.77
C ASP A 276 -20.65 -24.95 -24.28
N VAL A 277 -21.39 -24.18 -23.47
CA VAL A 277 -21.29 -24.28 -22.01
C VAL A 277 -22.53 -24.91 -21.38
N TYR A 278 -23.48 -25.39 -22.18
CA TYR A 278 -24.66 -26.04 -21.60
C TYR A 278 -24.24 -27.31 -20.88
N PRO A 279 -24.86 -27.64 -19.71
CA PRO A 279 -25.94 -26.97 -18.99
C PRO A 279 -25.50 -26.02 -17.85
N GLY A 280 -24.33 -25.40 -17.97
CA GLY A 280 -23.85 -24.51 -16.93
C GLY A 280 -23.05 -25.17 -15.83
N THR A 281 -22.75 -26.47 -15.96
CA THR A 281 -21.86 -27.19 -15.07
C THR A 281 -21.04 -28.16 -15.90
N LEU A 282 -19.96 -28.68 -15.30
CA LEU A 282 -19.07 -29.63 -15.96
C LEU A 282 -18.37 -30.47 -14.91
N GLN A 283 -18.60 -31.78 -14.94
CA GLN A 283 -17.97 -32.71 -14.00
C GLN A 283 -16.54 -33.03 -14.44
N ILE A 284 -15.58 -32.83 -13.52
CA ILE A 284 -14.22 -33.34 -13.66
C ILE A 284 -14.00 -34.31 -12.50
N GLY A 285 -14.33 -35.58 -12.71
CA GLY A 285 -14.24 -36.53 -11.60
C GLY A 285 -15.22 -36.17 -10.50
N ARG A 286 -14.74 -36.22 -9.26
CA ARG A 286 -15.57 -35.86 -8.11
C ARG A 286 -15.84 -34.37 -8.04
N TYR A 287 -15.14 -33.57 -8.84
CA TYR A 287 -15.23 -32.12 -8.85
C TYR A 287 -16.22 -31.66 -9.91
N THR A 288 -16.94 -30.57 -9.61
CA THR A 288 -17.97 -30.07 -10.51
C THR A 288 -17.79 -28.57 -10.72
N ILE A 289 -17.44 -28.18 -11.95
CA ILE A 289 -17.35 -26.77 -12.33
C ILE A 289 -18.76 -26.21 -12.52
N ARG A 290 -19.00 -24.99 -12.05
CA ARG A 290 -20.35 -24.45 -11.97
C ARG A 290 -20.37 -22.97 -12.33
N ASP A 291 -21.20 -22.61 -13.32
CA ASP A 291 -21.33 -21.22 -13.75
C ASP A 291 -22.31 -20.46 -12.85
N VAL A 292 -22.14 -19.14 -12.81
CA VAL A 292 -23.03 -18.33 -11.97
C VAL A 292 -24.41 -18.16 -12.64
N SER A 293 -24.48 -18.08 -13.97
CA SER A 293 -25.76 -18.15 -14.67
C SER A 293 -25.74 -19.32 -15.65
N ARG A 294 -26.83 -20.06 -15.69
CA ARG A 294 -26.83 -21.38 -16.30
C ARG A 294 -27.98 -21.54 -17.29
N ASN A 295 -28.17 -20.54 -18.13
CA ASN A 295 -29.16 -20.53 -19.21
C ASN A 295 -28.49 -20.20 -20.54
N SER A 296 -27.27 -20.72 -20.73
CA SER A 296 -26.47 -20.48 -21.91
C SER A 296 -26.13 -21.80 -22.58
N ARG A 297 -25.98 -21.76 -23.90
CA ARG A 297 -25.43 -22.89 -24.66
C ARG A 297 -24.20 -22.40 -25.39
N GLN A 298 -24.33 -21.94 -26.65
CA GLN A 298 -23.19 -21.40 -27.38
C GLN A 298 -22.90 -19.96 -26.94
N LEU A 299 -21.63 -19.67 -26.65
CA LEU A 299 -21.15 -18.34 -26.30
C LEU A 299 -19.86 -18.08 -27.05
N ASP A 300 -19.68 -16.85 -27.56
CA ASP A 300 -18.37 -16.55 -28.11
C ASP A 300 -17.43 -16.09 -26.99
N LEU A 301 -16.15 -15.89 -27.33
CA LEU A 301 -15.13 -15.67 -26.30
C LEU A 301 -15.40 -14.39 -25.52
N THR A 302 -15.88 -13.35 -26.20
CA THR A 302 -16.28 -12.14 -25.48
C THR A 302 -17.47 -12.45 -24.58
N GLY A 303 -18.39 -13.29 -25.06
CA GLY A 303 -19.54 -13.69 -24.23
C GLY A 303 -19.13 -14.43 -22.97
N ILE A 304 -18.08 -15.25 -23.06
CA ILE A 304 -17.61 -15.98 -21.88
C ILE A 304 -17.15 -15.01 -20.80
N LEU A 305 -16.46 -13.92 -21.20
CA LEU A 305 -16.01 -12.90 -20.23
C LEU A 305 -17.18 -12.08 -19.68
N ILE A 306 -18.11 -11.67 -20.55
CA ILE A 306 -19.27 -10.88 -20.12
C ILE A 306 -20.12 -11.67 -19.13
N LYS A 307 -20.37 -12.94 -19.43
CA LYS A 307 -21.14 -13.79 -18.53
C LYS A 307 -20.29 -14.38 -17.40
N SER A 308 -18.97 -14.24 -17.49
CA SER A 308 -18.01 -14.82 -16.54
C SER A 308 -18.28 -16.31 -16.31
N SER A 309 -18.29 -17.06 -17.42
CA SER A 309 -18.59 -18.48 -17.41
C SER A 309 -17.33 -19.26 -17.07
N ASN A 310 -17.34 -19.94 -15.91
CA ASN A 310 -16.24 -20.82 -15.53
C ASN A 310 -16.15 -22.03 -16.46
N VAL A 311 -17.31 -22.56 -16.87
CA VAL A 311 -17.31 -23.68 -17.82
C VAL A 311 -16.67 -23.27 -19.14
N GLY A 312 -16.97 -22.06 -19.60
CA GLY A 312 -16.40 -21.60 -20.85
C GLY A 312 -14.89 -21.51 -20.81
N ILE A 313 -14.35 -20.86 -19.78
CA ILE A 313 -12.91 -20.64 -19.72
C ILE A 313 -12.20 -21.96 -19.44
N SER A 314 -12.88 -22.90 -18.75
CA SER A 314 -12.28 -24.21 -18.50
C SER A 314 -12.14 -25.02 -19.77
N LYS A 315 -13.18 -25.05 -20.61
CA LYS A 315 -13.07 -25.79 -21.88
C LYS A 315 -11.99 -25.17 -22.76
N ILE A 316 -11.87 -23.84 -22.73
CA ILE A 316 -10.76 -23.21 -23.46
C ILE A 316 -9.42 -23.67 -22.89
N ALA A 317 -9.33 -23.76 -21.56
CA ALA A 317 -8.08 -24.16 -20.91
C ALA A 317 -7.71 -25.60 -21.25
N PHE A 318 -8.69 -26.51 -21.31
CA PHE A 318 -8.38 -27.89 -21.73
C PHE A 318 -7.81 -27.92 -23.14
N ASP A 319 -8.31 -27.07 -24.04
CA ASP A 319 -7.83 -27.04 -25.42
C ASP A 319 -6.36 -26.60 -25.50
N ILE A 320 -6.02 -25.47 -24.88
CA ILE A 320 -4.67 -24.91 -25.05
C ILE A 320 -3.66 -25.44 -24.06
N GLY A 321 -4.10 -26.02 -22.94
CA GLY A 321 -3.20 -26.54 -21.93
C GLY A 321 -2.90 -25.50 -20.85
N ALA A 322 -2.81 -25.94 -19.60
CA ALA A 322 -2.58 -25.02 -18.49
C ALA A 322 -1.21 -24.38 -18.57
N GLU A 323 -0.22 -25.06 -19.17
CA GLU A 323 1.14 -24.54 -19.22
C GLU A 323 1.14 -23.15 -19.85
N SER A 324 0.35 -22.97 -20.92
CA SER A 324 0.34 -21.67 -21.58
C SER A 324 -0.32 -20.61 -20.71
N ILE A 325 -1.31 -21.01 -19.90
CA ILE A 325 -1.92 -20.05 -18.98
C ILE A 325 -0.95 -19.70 -17.85
N TYR A 326 -0.34 -20.72 -17.23
CA TYR A 326 0.68 -20.48 -16.21
C TYR A 326 1.73 -19.50 -16.72
N SER A 327 2.13 -19.66 -17.99
CA SER A 327 3.21 -18.84 -18.53
C SER A 327 2.81 -17.36 -18.65
N VAL A 328 1.61 -17.09 -19.16
CA VAL A 328 1.18 -15.70 -19.22
C VAL A 328 1.08 -15.12 -17.81
N MET A 329 0.49 -15.88 -16.88
CA MET A 329 0.31 -15.34 -15.53
C MET A 329 1.67 -15.03 -14.89
N GLN A 330 2.64 -15.92 -15.08
CA GLN A 330 3.97 -15.69 -14.54
C GLN A 330 4.65 -14.50 -15.21
N GLN A 331 4.44 -14.32 -16.50
CA GLN A 331 5.11 -13.24 -17.23
C GLN A 331 4.59 -11.87 -16.81
N VAL A 332 3.30 -11.76 -16.50
CA VAL A 332 2.75 -10.48 -16.04
C VAL A 332 2.96 -10.24 -14.55
N GLY A 333 3.50 -11.22 -13.82
CA GLY A 333 3.98 -10.99 -12.47
C GLY A 333 3.14 -11.55 -11.34
N LEU A 334 2.10 -12.34 -11.64
CA LEU A 334 1.25 -12.88 -10.59
C LEU A 334 2.01 -13.92 -9.80
N GLY A 335 2.00 -13.78 -8.47
CA GLY A 335 2.74 -14.70 -7.63
C GLY A 335 4.24 -14.65 -7.80
N GLN A 336 4.77 -13.58 -8.40
CA GLN A 336 6.20 -13.35 -8.56
C GLN A 336 6.63 -12.15 -7.72
N ASP A 337 7.92 -12.12 -7.37
CA ASP A 337 8.46 -11.05 -6.54
C ASP A 337 8.43 -9.71 -7.27
N THR A 338 7.80 -8.69 -6.67
CA THR A 338 7.73 -7.39 -7.34
C THR A 338 9.05 -6.64 -7.32
N GLY A 339 9.92 -6.96 -6.36
CA GLY A 339 11.19 -6.25 -6.23
C GLY A 339 11.11 -4.90 -5.56
N LEU A 340 9.97 -4.51 -4.98
CA LEU A 340 9.90 -3.22 -4.30
C LEU A 340 10.59 -3.23 -2.93
N GLY A 341 10.82 -4.39 -2.34
CA GLY A 341 11.48 -4.43 -1.05
C GLY A 341 10.68 -3.85 0.10
N PHE A 342 9.36 -3.76 -0.06
CA PHE A 342 8.52 -3.18 0.97
C PHE A 342 8.46 -4.12 2.17
N PRO A 343 8.52 -3.60 3.40
CA PRO A 343 8.55 -4.48 4.57
C PRO A 343 7.28 -5.32 4.69
N GLY A 344 7.45 -6.62 4.91
CA GLY A 344 6.34 -7.55 4.96
C GLY A 344 5.71 -7.91 3.62
N GLU A 345 6.18 -7.34 2.52
CA GLU A 345 5.55 -7.59 1.20
C GLU A 345 5.57 -9.08 0.87
N ARG A 346 4.42 -9.60 0.45
CA ARG A 346 4.29 -11.02 0.14
C ARG A 346 4.43 -11.27 -1.36
N VAL A 347 4.79 -12.50 -1.70
CA VAL A 347 5.02 -12.89 -3.09
C VAL A 347 3.80 -13.65 -3.61
N GLY A 348 3.07 -14.30 -2.71
CA GLY A 348 1.98 -15.16 -3.13
C GLY A 348 2.53 -16.43 -3.71
N ASN A 349 1.73 -17.07 -4.58
CA ASN A 349 2.13 -18.36 -5.12
C ASN A 349 1.35 -18.65 -6.39
N LEU A 350 2.08 -18.90 -7.47
CA LEU A 350 1.52 -19.40 -8.72
C LEU A 350 2.01 -20.83 -8.84
N PRO A 351 1.19 -21.84 -8.52
CA PRO A 351 1.69 -23.21 -8.45
C PRO A 351 2.11 -23.72 -9.81
N ASN A 352 2.87 -24.81 -9.80
CA ASN A 352 3.29 -25.45 -11.04
C ASN A 352 3.09 -26.95 -10.93
N HIS A 353 3.22 -27.61 -12.10
CA HIS A 353 3.01 -29.05 -12.23
C HIS A 353 3.87 -29.56 -13.38
N ARG A 354 4.39 -30.79 -13.24
CA ARG A 354 4.96 -31.47 -14.39
C ARG A 354 3.89 -31.67 -15.46
N LYS A 355 2.84 -32.40 -15.13
CA LYS A 355 1.64 -32.52 -15.95
C LYS A 355 0.45 -32.01 -15.16
N TRP A 356 -0.24 -31.01 -15.69
CA TRP A 356 -1.36 -30.39 -14.98
C TRP A 356 -2.58 -31.31 -15.01
N PRO A 357 -3.16 -31.64 -13.87
CA PRO A 357 -4.45 -32.35 -13.89
C PRO A 357 -5.55 -31.46 -14.42
N LYS A 358 -6.61 -32.10 -14.91
CA LYS A 358 -7.74 -31.35 -15.47
C LYS A 358 -8.32 -30.38 -14.43
N ALA A 359 -8.56 -30.85 -13.22
CA ALA A 359 -9.19 -30.01 -12.22
C ALA A 359 -8.33 -28.79 -11.90
N GLU A 360 -7.02 -28.99 -11.71
CA GLU A 360 -6.13 -27.85 -11.48
C GLU A 360 -6.12 -26.92 -12.67
N THR A 361 -6.18 -27.49 -13.89
CA THR A 361 -6.15 -26.68 -15.09
C THR A 361 -7.35 -25.74 -15.15
N ALA A 362 -8.55 -26.27 -14.84
CA ALA A 362 -9.76 -25.45 -14.92
C ALA A 362 -9.76 -24.36 -13.86
N THR A 363 -9.45 -24.70 -12.61
CA THR A 363 -9.50 -23.69 -11.55
C THR A 363 -8.46 -22.60 -11.79
N LEU A 364 -7.25 -22.97 -12.25
CA LEU A 364 -6.27 -21.94 -12.57
C LEU A 364 -6.82 -20.91 -13.55
N ALA A 365 -7.56 -21.39 -14.57
CA ALA A 365 -8.07 -20.51 -15.62
C ALA A 365 -9.09 -19.49 -15.09
N TYR A 366 -9.82 -19.83 -14.02
CA TYR A 366 -10.69 -18.82 -13.42
C TYR A 366 -10.23 -18.38 -12.02
N GLY A 367 -8.94 -18.49 -11.73
CA GLY A 367 -8.37 -17.75 -10.62
C GLY A 367 -8.46 -18.38 -9.25
N TYR A 368 -8.69 -19.70 -9.15
CA TYR A 368 -8.51 -20.45 -7.92
C TYR A 368 -7.28 -21.33 -8.01
N GLY A 369 -6.64 -21.55 -6.88
CA GLY A 369 -5.42 -22.33 -6.83
C GLY A 369 -4.15 -21.51 -6.86
N LEU A 370 -4.25 -20.18 -6.95
CA LEU A 370 -3.10 -19.29 -6.89
C LEU A 370 -3.41 -18.13 -5.96
N SER A 371 -2.34 -17.53 -5.39
CA SER A 371 -2.41 -16.43 -4.43
C SER A 371 -1.64 -15.22 -4.96
N VAL A 372 -2.29 -14.05 -4.98
CA VAL A 372 -1.63 -12.82 -5.42
C VAL A 372 -1.93 -11.71 -4.41
N THR A 373 -1.22 -10.60 -4.55
CA THR A 373 -1.50 -9.37 -3.82
C THR A 373 -2.19 -8.38 -4.74
N ALA A 374 -2.83 -7.37 -4.13
CA ALA A 374 -3.50 -6.34 -4.92
C ALA A 374 -2.52 -5.61 -5.83
N ILE A 375 -1.27 -5.43 -5.37
CA ILE A 375 -0.32 -4.69 -6.18
C ILE A 375 0.11 -5.50 -7.39
N GLN A 376 0.26 -6.83 -7.24
CA GLN A 376 0.59 -7.66 -8.41
C GLN A 376 -0.53 -7.66 -9.42
N LEU A 377 -1.76 -7.79 -8.93
CA LEU A 377 -2.91 -7.78 -9.84
C LEU A 377 -2.97 -6.48 -10.63
N ALA A 378 -2.70 -5.35 -9.97
CA ALA A 378 -2.74 -4.06 -10.67
C ALA A 378 -1.62 -3.94 -11.69
N HIS A 379 -0.43 -4.44 -11.33
CA HIS A 379 0.72 -4.43 -12.22
C HIS A 379 0.48 -5.30 -13.45
N ALA A 380 -0.19 -6.43 -13.27
CA ALA A 380 -0.54 -7.29 -14.40
C ALA A 380 -1.52 -6.60 -15.33
N TYR A 381 -2.52 -5.93 -14.75
CA TYR A 381 -3.46 -5.17 -15.58
C TYR A 381 -2.80 -3.98 -16.25
N ALA A 382 -1.82 -3.37 -15.59
CA ALA A 382 -1.05 -2.29 -16.21
C ALA A 382 -0.33 -2.79 -17.44
N ALA A 383 0.30 -3.96 -17.35
CA ALA A 383 1.02 -4.52 -18.49
C ALA A 383 0.06 -4.74 -19.65
N LEU A 384 -1.15 -5.22 -19.34
CA LEU A 384 -2.15 -5.45 -20.37
C LEU A 384 -2.64 -4.15 -20.99
N ALA A 385 -2.88 -3.14 -20.17
CA ALA A 385 -3.32 -1.83 -20.66
C ALA A 385 -2.25 -1.16 -21.51
N ASN A 386 -0.98 -1.31 -21.13
CA ASN A 386 0.17 -0.77 -21.83
C ASN A 386 0.57 -1.60 -23.05
N ASP A 387 -0.42 -2.07 -23.83
CA ASP A 387 -0.21 -2.86 -25.04
C ASP A 387 0.74 -4.04 -24.80
N GLY A 388 0.61 -4.67 -23.63
CA GLY A 388 1.33 -5.89 -23.35
C GLY A 388 2.74 -5.71 -22.85
N LYS A 389 3.14 -4.49 -22.48
CA LYS A 389 4.49 -4.20 -22.01
C LYS A 389 4.45 -3.86 -20.52
N SER A 390 5.26 -4.56 -19.74
CA SER A 390 5.35 -4.38 -18.29
C SER A 390 6.49 -3.42 -17.92
N VAL A 391 6.14 -2.29 -17.32
CA VAL A 391 7.11 -1.31 -16.85
C VAL A 391 7.38 -1.52 -15.36
N PRO A 392 8.64 -1.50 -14.92
CA PRO A 392 8.94 -1.75 -13.50
C PRO A 392 8.16 -0.89 -12.52
N LEU A 393 7.67 -1.54 -11.45
CA LEU A 393 6.95 -0.84 -10.39
C LEU A 393 7.87 0.13 -9.67
N SER A 394 7.30 1.24 -9.21
CA SER A 394 8.05 2.19 -8.41
C SER A 394 7.14 2.86 -7.39
N MET A 395 7.65 3.03 -6.17
CA MET A 395 6.98 3.81 -5.15
CA MET A 395 6.99 3.80 -5.13
C MET A 395 7.51 5.24 -5.05
N THR A 396 8.51 5.59 -5.84
CA THR A 396 9.04 6.94 -5.88
C THR A 396 8.76 7.56 -7.25
N ARG A 397 8.73 8.89 -7.29
CA ARG A 397 8.46 9.59 -8.55
C ARG A 397 9.47 9.18 -9.61
N VAL A 398 8.98 8.89 -10.81
CA VAL A 398 9.79 8.43 -11.92
C VAL A 398 9.96 9.58 -12.91
N ASP A 399 11.19 10.09 -13.01
CA ASP A 399 11.54 11.13 -13.98
C ASP A 399 12.06 10.54 -15.30
N ARG A 400 13.00 9.59 -15.23
CA ARG A 400 13.49 8.86 -16.40
C ARG A 400 12.86 7.47 -16.36
N VAL A 401 11.98 7.18 -17.31
CA VAL A 401 11.28 5.90 -17.26
C VAL A 401 12.22 4.79 -17.73
N PRO A 402 12.38 3.71 -16.96
CA PRO A 402 13.18 2.58 -17.42
C PRO A 402 12.44 1.77 -18.49
N ASP A 403 13.22 0.96 -19.21
CA ASP A 403 12.63 0.15 -20.27
C ASP A 403 11.77 -0.97 -19.68
N GLY A 404 10.64 -1.23 -20.32
CA GLY A 404 9.76 -2.32 -19.93
C GLY A 404 10.05 -3.60 -20.72
N VAL A 405 9.32 -4.65 -20.37
CA VAL A 405 9.47 -5.96 -21.01
C VAL A 405 8.15 -6.31 -21.70
N GLN A 406 8.21 -6.66 -22.99
CA GLN A 406 7.04 -7.18 -23.68
C GLN A 406 6.72 -8.57 -23.13
N VAL A 407 5.57 -8.70 -22.47
CA VAL A 407 5.18 -9.96 -21.87
C VAL A 407 3.94 -10.56 -22.52
N ILE A 408 3.12 -9.76 -23.19
CA ILE A 408 2.02 -10.22 -24.03
C ILE A 408 2.18 -9.51 -25.36
N SER A 409 1.94 -10.22 -26.45
CA SER A 409 2.14 -9.62 -27.77
C SER A 409 1.20 -8.42 -27.95
N PRO A 410 1.68 -7.36 -28.56
CA PRO A 410 0.85 -6.14 -28.70
C PRO A 410 -0.48 -6.38 -29.37
N GLU A 411 -0.56 -7.31 -30.34
CA GLU A 411 -1.85 -7.58 -30.97
C GLU A 411 -2.78 -8.32 -30.01
N VAL A 412 -2.25 -9.29 -29.26
CA VAL A 412 -3.10 -10.00 -28.32
C VAL A 412 -3.60 -9.06 -27.23
N ALA A 413 -2.71 -8.24 -26.69
CA ALA A 413 -3.11 -7.32 -25.63
C ALA A 413 -4.17 -6.36 -26.14
N SER A 414 -4.01 -5.89 -27.39
CA SER A 414 -4.97 -5.00 -28.01
C SER A 414 -6.34 -5.67 -28.10
N THR A 415 -6.36 -6.94 -28.55
CA THR A 415 -7.63 -7.66 -28.65
C THR A 415 -8.27 -7.84 -27.28
N VAL A 416 -7.49 -8.22 -26.27
CA VAL A 416 -8.07 -8.44 -24.93
C VAL A 416 -8.60 -7.13 -24.35
N GLN A 417 -7.91 -6.01 -24.60
CA GLN A 417 -8.42 -4.70 -24.22
C GLN A 417 -9.81 -4.46 -24.80
N GLY A 418 -9.99 -4.78 -26.09
CA GLY A 418 -11.27 -4.56 -26.72
C GLY A 418 -12.38 -5.39 -26.10
N MET A 419 -12.09 -6.67 -25.82
CA MET A 419 -13.06 -7.53 -25.13
C MET A 419 -13.40 -6.98 -23.74
N LEU A 420 -12.41 -6.50 -23.01
CA LEU A 420 -12.72 -6.01 -21.67
C LEU A 420 -13.47 -4.68 -21.72
N GLN A 421 -13.37 -3.94 -22.83
CA GLN A 421 -14.23 -2.76 -22.98
C GLN A 421 -15.68 -3.21 -23.14
N GLN A 422 -15.89 -4.33 -23.83
CA GLN A 422 -17.25 -4.89 -23.97
C GLN A 422 -17.76 -5.42 -22.65
N VAL A 423 -16.88 -5.99 -21.81
CA VAL A 423 -17.32 -6.45 -20.50
C VAL A 423 -18.02 -5.31 -19.75
N VAL A 424 -17.48 -4.09 -19.89
CA VAL A 424 -18.03 -2.95 -19.18
C VAL A 424 -19.19 -2.33 -19.94
N GLU A 425 -19.14 -2.34 -21.27
CA GLU A 425 -20.08 -1.54 -22.06
C GLU A 425 -21.21 -2.32 -22.70
N ALA A 426 -21.06 -3.63 -22.92
CA ALA A 426 -22.06 -4.35 -23.67
C ALA A 426 -23.29 -4.64 -22.82
N GLN A 427 -24.36 -5.04 -23.49
CA GLN A 427 -25.60 -5.40 -22.81
C GLN A 427 -25.38 -6.65 -21.96
N GLY A 428 -25.85 -6.59 -20.72
CA GLY A 428 -25.53 -7.63 -19.75
C GLY A 428 -24.18 -7.49 -19.11
N GLY A 429 -23.44 -6.40 -19.37
CA GLY A 429 -22.11 -6.23 -18.84
C GLY A 429 -22.09 -5.57 -17.47
N VAL A 430 -20.87 -5.23 -17.03
CA VAL A 430 -20.69 -4.60 -15.72
C VAL A 430 -20.91 -3.09 -15.86
N PHE A 431 -22.18 -2.71 -16.06
CA PHE A 431 -22.48 -1.32 -16.36
C PHE A 431 -22.10 -0.38 -15.23
N ARG A 432 -21.97 -0.86 -14.00
CA ARG A 432 -21.65 0.03 -12.90
C ARG A 432 -20.20 0.47 -12.93
N ALA A 433 -19.36 -0.21 -13.71
CA ALA A 433 -17.96 0.22 -13.83
C ALA A 433 -17.78 1.29 -14.89
N GLN A 434 -18.86 1.69 -15.58
CA GLN A 434 -18.73 2.68 -16.63
C GLN A 434 -18.32 4.03 -16.07
N VAL A 435 -17.44 4.71 -16.79
CA VAL A 435 -16.87 5.98 -16.35
C VAL A 435 -17.46 7.09 -17.21
N PRO A 436 -18.15 8.06 -16.62
CA PRO A 436 -18.75 9.14 -17.40
C PRO A 436 -17.72 9.85 -18.27
N GLY A 437 -18.05 10.00 -19.55
CA GLY A 437 -17.21 10.69 -20.51
C GLY A 437 -16.05 9.91 -21.08
N TYR A 438 -15.77 8.70 -20.58
CA TYR A 438 -14.68 7.88 -21.08
C TYR A 438 -15.17 6.48 -21.42
N HIS A 439 -14.34 5.76 -22.19
CA HIS A 439 -14.48 4.32 -22.33
C HIS A 439 -13.60 3.64 -21.30
N ALA A 440 -14.14 2.65 -20.62
CA ALA A 440 -13.42 1.92 -19.60
C ALA A 440 -13.50 0.43 -19.89
N ALA A 441 -12.50 -0.29 -19.41
CA ALA A 441 -12.40 -1.73 -19.63
C ALA A 441 -11.99 -2.37 -18.32
N GLY A 442 -12.49 -3.58 -18.08
CA GLY A 442 -12.17 -4.26 -16.84
C GLY A 442 -12.97 -5.55 -16.72
N LYS A 443 -12.70 -6.26 -15.62
CA LYS A 443 -13.28 -7.55 -15.29
C LYS A 443 -13.56 -7.62 -13.80
N SER A 444 -14.73 -8.16 -13.43
CA SER A 444 -15.10 -8.32 -12.04
CA SER A 444 -15.12 -8.35 -12.04
C SER A 444 -14.64 -9.69 -11.53
N GLY A 445 -14.64 -9.82 -10.20
CA GLY A 445 -14.31 -11.08 -9.55
C GLY A 445 -15.06 -11.22 -8.24
N THR A 446 -15.39 -12.47 -7.90
CA THR A 446 -16.06 -12.82 -6.66
C THR A 446 -15.40 -14.09 -6.15
N ALA A 447 -14.58 -14.00 -5.11
CA ALA A 447 -13.74 -15.10 -4.70
C ALA A 447 -14.02 -15.52 -3.26
N ARG A 448 -14.11 -16.84 -3.06
CA ARG A 448 -14.19 -17.45 -1.74
C ARG A 448 -13.05 -17.00 -0.82
N LYS A 449 -13.27 -17.09 0.48
CA LYS A 449 -12.22 -16.76 1.45
C LYS A 449 -12.47 -17.46 2.78
N ASN A 460 -18.91 -19.41 4.08
CA ASN A 460 -19.65 -18.78 3.00
C ASN A 460 -19.39 -17.26 2.96
N ALA A 461 -18.13 -16.88 2.79
CA ALA A 461 -17.68 -15.49 2.79
C ALA A 461 -16.85 -15.22 1.54
N TYR A 462 -16.93 -13.98 1.05
CA TYR A 462 -16.33 -13.63 -0.25
C TYR A 462 -15.56 -12.33 -0.17
N ARG A 463 -14.60 -12.20 -1.09
CA ARG A 463 -14.03 -10.92 -1.50
C ARG A 463 -14.65 -10.50 -2.83
N SER A 464 -15.08 -9.23 -2.92
CA SER A 464 -15.53 -8.65 -4.18
C SER A 464 -14.40 -7.84 -4.80
N LEU A 465 -14.18 -8.06 -6.10
CA LEU A 465 -13.03 -7.54 -6.82
C LEU A 465 -13.47 -6.89 -8.13
N PHE A 466 -12.73 -5.86 -8.52
CA PHE A 466 -12.81 -5.33 -9.88
C PHE A 466 -11.43 -4.81 -10.24
N ALA A 467 -10.99 -5.12 -11.46
CA ALA A 467 -9.70 -4.67 -11.98
C ALA A 467 -9.94 -4.11 -13.37
N GLY A 468 -9.36 -2.95 -13.67
CA GLY A 468 -9.59 -2.39 -14.98
C GLY A 468 -8.63 -1.28 -15.31
N PHE A 469 -8.91 -0.58 -16.41
CA PHE A 469 -8.07 0.50 -16.88
C PHE A 469 -8.89 1.43 -17.76
N ALA A 470 -8.36 2.63 -17.97
CA ALA A 470 -9.06 3.63 -18.76
C ALA A 470 -8.06 4.71 -19.18
N PRO A 471 -8.37 5.49 -20.24
CA PRO A 471 -9.44 5.33 -21.23
C PRO A 471 -9.15 4.14 -22.12
N ALA A 472 -10.15 3.34 -22.48
CA ALA A 472 -9.90 2.13 -23.26
C ALA A 472 -9.25 2.45 -24.60
N THR A 473 -9.54 3.63 -25.15
CA THR A 473 -9.00 4.04 -26.44
C THR A 473 -7.48 4.30 -26.37
N ASP A 474 -6.98 4.76 -25.23
CA ASP A 474 -5.56 5.04 -25.07
C ASP A 474 -5.23 4.97 -23.58
N PRO A 475 -4.98 3.76 -23.04
CA PRO A 475 -4.97 3.57 -21.58
C PRO A 475 -3.87 4.35 -20.86
N ARG A 476 -4.24 4.93 -19.74
CA ARG A 476 -3.33 5.69 -18.89
C ARG A 476 -3.22 5.13 -17.49
N ILE A 477 -4.31 4.57 -16.96
CA ILE A 477 -4.42 4.24 -15.55
C ILE A 477 -5.00 2.84 -15.41
N ALA A 478 -4.38 2.01 -14.58
CA ALA A 478 -4.95 0.75 -14.12
C ALA A 478 -5.26 0.82 -12.63
N MET A 479 -6.34 0.15 -12.22
CA MET A 479 -6.86 0.26 -10.87
C MET A 479 -7.41 -1.10 -10.44
N VAL A 480 -7.19 -1.45 -9.17
CA VAL A 480 -7.73 -2.66 -8.56
C VAL A 480 -8.47 -2.28 -7.27
N VAL A 481 -9.70 -2.76 -7.14
CA VAL A 481 -10.53 -2.57 -5.95
C VAL A 481 -10.83 -3.95 -5.36
N VAL A 482 -10.49 -4.13 -4.09
CA VAL A 482 -10.76 -5.36 -3.34
C VAL A 482 -11.57 -4.97 -2.11
N ILE A 483 -12.71 -5.60 -1.91
CA ILE A 483 -13.58 -5.34 -0.76
C ILE A 483 -13.85 -6.67 -0.06
N ASP A 484 -13.48 -6.75 1.21
CA ASP A 484 -13.42 -7.99 1.97
C ASP A 484 -14.70 -8.18 2.77
N GLU A 485 -15.43 -9.27 2.48
CA GLU A 485 -16.65 -9.70 3.16
C GLU A 485 -17.72 -8.62 3.16
N PRO A 486 -18.27 -8.24 2.01
CA PRO A 486 -19.49 -7.43 2.02
C PRO A 486 -20.61 -8.21 2.69
N SER A 487 -21.42 -7.52 3.49
CA SER A 487 -22.44 -8.19 4.29
C SER A 487 -23.86 -7.92 3.81
N LYS A 488 -24.04 -7.11 2.77
CA LYS A 488 -25.37 -6.93 2.19
C LYS A 488 -25.66 -8.07 1.22
N ALA A 489 -26.93 -8.14 0.77
CA ALA A 489 -27.39 -9.28 0.00
C ALA A 489 -26.55 -9.50 -1.26
N GLY A 490 -26.14 -8.41 -1.90
CA GLY A 490 -25.28 -8.51 -3.07
C GLY A 490 -23.82 -8.46 -2.69
N TYR A 491 -23.06 -9.48 -3.13
CA TYR A 491 -21.63 -9.57 -2.88
C TYR A 491 -20.79 -9.71 -4.14
N PHE A 492 -21.39 -9.68 -5.32
CA PHE A 492 -20.64 -9.81 -6.56
C PHE A 492 -19.70 -8.63 -6.76
N GLY A 493 -18.49 -8.94 -7.24
CA GLY A 493 -17.55 -7.88 -7.60
C GLY A 493 -18.20 -6.81 -8.47
N GLY A 494 -19.08 -7.22 -9.40
CA GLY A 494 -19.75 -6.27 -10.27
C GLY A 494 -20.78 -5.39 -9.56
N LEU A 495 -21.22 -5.79 -8.37
CA LEU A 495 -22.16 -4.95 -7.62
C LEU A 495 -21.48 -4.11 -6.56
N VAL A 496 -20.42 -4.64 -5.95
CA VAL A 496 -19.81 -4.05 -4.79
C VAL A 496 -18.59 -3.21 -5.15
N SER A 497 -17.69 -3.76 -5.99
CA SER A 497 -16.43 -3.11 -6.29
C SER A 497 -16.46 -2.27 -7.57
N ALA A 498 -17.25 -2.66 -8.56
CA ALA A 498 -17.27 -1.92 -9.82
C ALA A 498 -17.67 -0.46 -9.64
N PRO A 499 -18.68 -0.09 -8.84
CA PRO A 499 -18.98 1.35 -8.68
C PRO A 499 -17.85 2.14 -8.00
N VAL A 500 -17.05 1.51 -7.15
CA VAL A 500 -15.89 2.22 -6.61
C VAL A 500 -14.90 2.55 -7.73
N PHE A 501 -14.58 1.55 -8.56
CA PHE A 501 -13.72 1.77 -9.73
C PHE A 501 -14.23 2.95 -10.54
N SER A 502 -15.55 3.02 -10.75
CA SER A 502 -16.15 4.08 -11.56
C SER A 502 -15.92 5.46 -10.96
N LYS A 503 -16.17 5.62 -9.66
CA LYS A 503 -16.01 6.93 -9.04
C LYS A 503 -14.54 7.33 -8.97
N VAL A 504 -13.65 6.41 -8.56
CA VAL A 504 -12.25 6.77 -8.40
C VAL A 504 -11.57 6.98 -9.75
N MET A 505 -11.92 6.16 -10.75
CA MET A 505 -11.31 6.35 -12.07
C MET A 505 -11.69 7.70 -12.68
N ALA A 506 -12.97 8.08 -12.57
CA ALA A 506 -13.42 9.39 -13.05
C ALA A 506 -12.64 10.52 -12.40
N GLY A 507 -12.51 10.49 -11.07
CA GLY A 507 -11.75 11.52 -10.40
C GLY A 507 -10.29 11.52 -10.80
N ALA A 508 -9.68 10.34 -10.88
CA ALA A 508 -8.26 10.26 -11.24
C ALA A 508 -8.00 10.81 -12.64
N LEU A 509 -8.85 10.46 -13.62
CA LEU A 509 -8.66 10.97 -14.99
C LEU A 509 -8.83 12.48 -15.06
N ARG A 510 -9.84 13.01 -14.37
CA ARG A 510 -10.02 14.46 -14.30
C ARG A 510 -8.78 15.13 -13.73
N LEU A 511 -8.31 14.62 -12.57
CA LEU A 511 -7.15 15.22 -11.90
C LEU A 511 -5.91 15.18 -12.76
N MET A 512 -5.74 14.16 -13.59
CA MET A 512 -4.58 14.10 -14.47
C MET A 512 -4.85 14.71 -15.84
N ASN A 513 -5.99 15.41 -16.00
CA ASN A 513 -6.37 16.08 -17.24
C ASN A 513 -6.28 15.15 -18.45
N VAL A 514 -6.74 13.92 -18.28
CA VAL A 514 -6.78 12.97 -19.39
C VAL A 514 -7.97 13.33 -20.28
N PRO A 515 -7.78 13.48 -21.59
CA PRO A 515 -8.89 13.90 -22.47
C PRO A 515 -9.97 12.83 -22.57
N PRO A 516 -11.24 13.22 -22.56
CA PRO A 516 -12.33 12.25 -22.66
C PRO A 516 -12.40 11.63 -24.06
N ASP A 517 -12.56 10.31 -24.12
CA ASP A 517 -12.69 9.61 -25.38
C ASP A 517 -14.10 9.12 -25.64
N ASN A 518 -15.05 9.48 -24.77
CA ASN A 518 -16.45 9.07 -24.91
C ASN A 518 -17.39 10.25 -24.62
N LEU A 519 -17.23 11.33 -25.37
CA LEU A 519 -18.16 12.47 -25.35
C LEU A 519 -18.73 12.75 -26.73
#